data_4FJP
#
_entry.id   4FJP
#
_cell.length_a   62.277
_cell.length_b   49.945
_cell.length_c   65.301
_cell.angle_alpha   90.00
_cell.angle_beta   107.00
_cell.angle_gamma   90.00
#
_symmetry.space_group_name_H-M   'P 1 21 1'
#
loop_
_entity.id
_entity.type
_entity.pdbx_description
1 polymer Lactotransferrin
2 polymer 'C-terminal peptide from Lactotransferrin'
3 branched 2-acetamido-2-deoxy-beta-D-glucopyranose-(1-4)-2-acetamido-2-deoxy-beta-D-glucopyranose
4 non-polymer 2-acetamido-2-deoxy-beta-D-glucopyranose
5 non-polymer 'FE (III) ION'
6 non-polymer 'ZINC ION'
7 non-polymer 'CARBONATE ION'
8 non-polymer 'SULFATE ION'
9 non-polymer '(2S)-2-(6-methoxynaphthalen-2-yl)propanoic acid'
10 water water
#
loop_
_entity_poly.entity_id
_entity_poly.type
_entity_poly.pdbx_seq_one_letter_code
_entity_poly.pdbx_strand_id
1 'polypeptide(L)'
;YTRVVWCAVGPEEQKKCQQWSQQSGQNVTCATASTTDDCIVLVLKGEADALNLDGGYIYTAGKCGLVPVLAENRKSSKHS
SLDCVLRPTEGYLAVAVVKKANEGLTWNSLKDKKSCHTAVDRTAGWNIPMGLIVNQTGSCAFDEFFSQSCAPGADPKSRL
CALCAGDDQGLDKCVPNSKEKYYGYTGAFRCLAEDVGDVAFVKNDTVWENTNGESTADWAKNLKREDFRLLCLDGTRKPV
TEAQSCHLAVAPNHAVVSRSDRAAHVEQVLLHQQALFGKNGKNCPDKFCLFKSETKNLLFNDNTECLAKLGGRPTYEEYL
GTEYVTAIANLKKCS
;
A
2 'polypeptide(L)' LEACAF B
#
loop_
_chem_comp.id
_chem_comp.type
_chem_comp.name
_chem_comp.formula
CO3 non-polymer 'CARBONATE ION' 'C O3 -2'
FE non-polymer 'FE (III) ION' 'Fe 3'
NAG D-saccharide, beta linking 2-acetamido-2-deoxy-beta-D-glucopyranose 'C8 H15 N O6'
NPS non-polymer '(2S)-2-(6-methoxynaphthalen-2-yl)propanoic acid' 'C14 H14 O3'
SO4 non-polymer 'SULFATE ION' 'O4 S -2'
ZN non-polymer 'ZINC ION' 'Zn 2'
#
# COMPACT_ATOMS: atom_id res chain seq x y z
N TYR A 1 -1.80 -31.64 7.25
CA TYR A 1 -1.65 -30.29 6.62
C TYR A 1 -0.43 -29.60 7.22
N THR A 2 -0.08 -28.46 6.63
CA THR A 2 1.02 -27.73 7.18
C THR A 2 0.51 -26.36 7.70
N ARG A 3 1.30 -25.82 8.61
CA ARG A 3 1.10 -24.47 9.07
C ARG A 3 1.52 -23.50 7.98
N VAL A 4 0.92 -22.30 7.93
CA VAL A 4 1.37 -21.30 7.00
C VAL A 4 2.14 -20.24 7.80
N VAL A 5 3.32 -19.87 7.29
CA VAL A 5 4.19 -18.94 7.96
C VAL A 5 3.98 -17.59 7.24
N TRP A 6 3.45 -16.62 7.95
CA TRP A 6 3.18 -15.28 7.34
C TRP A 6 4.40 -14.43 7.58
N CYS A 7 4.67 -13.43 6.70
CA CYS A 7 5.79 -12.55 6.98
C CYS A 7 5.25 -11.18 7.30
N ALA A 8 5.64 -10.75 8.50
CA ALA A 8 5.25 -9.43 9.04
C ALA A 8 6.37 -8.47 8.81
N VAL A 9 6.00 -7.27 8.40
CA VAL A 9 7.00 -6.21 8.08
C VAL A 9 7.01 -5.26 9.27
N GLY A 10 8.09 -5.36 10.08
CA GLY A 10 8.26 -4.45 11.24
C GLY A 10 7.48 -4.94 12.44
N PRO A 11 7.78 -4.35 13.61
CA PRO A 11 7.24 -4.86 14.87
C PRO A 11 5.78 -4.73 15.20
N GLU A 12 5.08 -3.78 14.56
CA GLU A 12 3.69 -3.63 14.80
C GLU A 12 2.96 -4.75 14.05
N GLU A 13 3.42 -4.98 12.82
CA GLU A 13 2.86 -6.07 12.09
C GLU A 13 3.17 -7.40 12.81
N GLN A 14 4.36 -7.50 13.36
CA GLN A 14 4.74 -8.74 14.06
C GLN A 14 3.77 -8.98 15.24
N LYS A 15 3.49 -7.93 16.01
CA LYS A 15 2.55 -8.05 17.14
C LYS A 15 1.19 -8.56 16.66
N LYS A 16 0.65 -7.99 15.55
CA LYS A 16 -0.67 -8.42 15.07
C LYS A 16 -0.59 -9.85 14.57
N CYS A 17 0.52 -10.18 13.91
CA CYS A 17 0.66 -11.54 13.42
C CYS A 17 0.66 -12.52 14.60
N GLN A 18 1.34 -12.13 15.70
CA GLN A 18 1.41 -13.05 16.85
C GLN A 18 0.02 -13.29 17.47
N GLN A 19 -0.83 -12.25 17.48
CA GLN A 19 -2.24 -12.40 17.95
C GLN A 19 -2.99 -13.31 17.01
N TRP A 20 -2.78 -13.11 15.70
CA TRP A 20 -3.42 -14.01 14.77
C TRP A 20 -2.98 -15.46 14.97
N SER A 21 -1.68 -15.65 15.14
CA SER A 21 -1.10 -17.02 15.32
C SER A 21 -1.76 -17.71 16.56
N GLN A 22 -1.75 -16.98 17.67
CA GLN A 22 -2.45 -17.45 18.89
C GLN A 22 -3.89 -17.85 18.67
N GLN A 23 -4.65 -16.99 18.02
CA GLN A 23 -6.05 -17.22 17.78
C GLN A 23 -6.31 -18.37 16.83
N SER A 24 -5.42 -18.60 15.87
CA SER A 24 -5.58 -19.61 14.86
C SER A 24 -5.05 -20.99 15.38
N GLY A 25 -4.61 -21.05 16.64
CA GLY A 25 -4.04 -22.29 17.22
C GLY A 25 -2.79 -22.72 16.48
N GLN A 26 -1.99 -21.71 16.10
CA GLN A 26 -0.77 -21.94 15.27
C GLN A 26 -1.00 -22.55 13.94
N ASN A 27 -2.20 -22.50 13.40
CA ASN A 27 -2.36 -22.78 11.95
C ASN A 27 -1.60 -21.77 11.08
N VAL A 28 -1.50 -20.53 11.61
CA VAL A 28 -0.63 -19.52 11.03
C VAL A 28 0.42 -19.22 12.08
N THR A 29 1.67 -19.13 11.66
CA THR A 29 2.75 -18.63 12.51
C THR A 29 3.48 -17.50 11.77
N CYS A 30 4.48 -16.91 12.44
CA CYS A 30 4.98 -15.56 11.99
C CYS A 30 6.46 -15.57 11.81
N ALA A 31 6.91 -15.02 10.72
CA ALA A 31 8.31 -14.59 10.58
C ALA A 31 8.27 -13.09 10.46
N THR A 32 9.37 -12.39 10.74
CA THR A 32 9.26 -10.94 10.66
C THR A 32 10.53 -10.47 10.05
N ALA A 33 10.42 -9.39 9.28
CA ALA A 33 11.61 -8.73 8.72
C ALA A 33 11.39 -7.23 8.79
N SER A 34 12.45 -6.46 8.45
CA SER A 34 12.30 -5.00 8.68
C SER A 34 11.70 -4.31 7.50
N THR A 35 11.72 -4.96 6.33
CA THR A 35 11.16 -4.31 5.15
C THR A 35 10.43 -5.33 4.33
N THR A 36 9.65 -4.76 3.38
CA THR A 36 8.89 -5.71 2.51
C THR A 36 9.86 -6.53 1.62
N ASP A 37 10.85 -5.85 1.07
CA ASP A 37 11.81 -6.64 0.32
C ASP A 37 12.44 -7.72 1.14
N ASP A 38 12.81 -7.48 2.42
CA ASP A 38 13.39 -8.58 3.11
C ASP A 38 12.35 -9.72 3.33
N CYS A 39 11.07 -9.41 3.56
CA CYS A 39 10.04 -10.47 3.61
C CYS A 39 9.98 -11.27 2.30
N ILE A 40 10.08 -10.57 1.19
CA ILE A 40 10.08 -11.24 -0.13
C ILE A 40 11.25 -12.28 -0.16
N VAL A 41 12.40 -11.85 0.33
CA VAL A 41 13.59 -12.78 0.43
C VAL A 41 13.33 -13.94 1.36
N LEU A 42 12.73 -13.71 2.56
CA LEU A 42 12.38 -14.85 3.38
C LEU A 42 11.47 -15.83 2.66
N VAL A 43 10.48 -15.31 1.93
CA VAL A 43 9.63 -16.25 1.17
C VAL A 43 10.43 -17.02 0.11
N LEU A 44 11.30 -16.33 -0.63
CA LEU A 44 12.16 -16.99 -1.69
C LEU A 44 13.03 -18.01 -1.06
N LYS A 45 13.50 -17.80 0.17
CA LYS A 45 14.28 -18.87 0.88
C LYS A 45 13.49 -20.01 1.42
N GLY A 46 12.19 -19.88 1.49
CA GLY A 46 11.35 -20.86 2.09
C GLY A 46 11.26 -20.72 3.56
N GLU A 47 11.70 -19.56 4.09
CA GLU A 47 11.60 -19.34 5.53
C GLU A 47 10.34 -18.60 5.98
N ALA A 48 9.51 -18.16 5.00
CA ALA A 48 8.16 -17.76 5.25
C ALA A 48 7.38 -18.28 4.00
N ASP A 49 6.07 -18.30 4.14
CA ASP A 49 5.25 -18.73 3.02
C ASP A 49 4.62 -17.60 2.23
N ALA A 50 4.21 -16.50 2.92
CA ALA A 50 3.31 -15.56 2.23
C ALA A 50 3.24 -14.21 2.94
N LEU A 51 2.85 -13.20 2.16
CA LEU A 51 2.48 -11.90 2.74
C LEU A 51 1.62 -11.20 1.75
N ASN A 52 0.92 -10.14 2.22
CA ASN A 52 0.07 -9.41 1.31
C ASN A 52 0.79 -8.14 0.85
N LEU A 53 0.79 -7.82 -0.43
CA LEU A 53 1.72 -6.84 -1.05
C LEU A 53 0.98 -5.79 -1.86
N ASP A 54 1.44 -4.51 -1.75
CA ASP A 54 1.07 -3.53 -2.80
C ASP A 54 1.59 -4.00 -4.21
N GLY A 55 0.96 -3.52 -5.26
CA GLY A 55 1.26 -3.97 -6.62
C GLY A 55 2.73 -3.72 -7.01
N GLY A 56 3.33 -2.57 -6.57
CA GLY A 56 4.77 -2.35 -6.91
C GLY A 56 5.64 -3.47 -6.31
N TYR A 57 5.28 -3.92 -5.10
CA TYR A 57 6.07 -5.01 -4.46
C TYR A 57 5.71 -6.30 -5.18
N ILE A 58 4.45 -6.47 -5.60
CA ILE A 58 4.11 -7.67 -6.39
C ILE A 58 5.00 -7.74 -7.63
N TYR A 59 5.31 -6.59 -8.27
CA TYR A 59 6.26 -6.67 -9.38
C TYR A 59 7.64 -7.22 -8.95
N THR A 60 8.20 -6.74 -7.83
CA THR A 60 9.51 -7.25 -7.34
C THR A 60 9.37 -8.74 -7.05
N ALA A 61 8.30 -9.12 -6.38
CA ALA A 61 8.15 -10.54 -5.95
C ALA A 61 7.97 -11.39 -7.22
N GLY A 62 7.26 -10.85 -8.21
CA GLY A 62 6.84 -11.69 -9.36
C GLY A 62 8.07 -11.90 -10.24
N LYS A 63 8.92 -10.89 -10.34
CA LYS A 63 10.20 -11.04 -11.10
C LYS A 63 11.05 -12.18 -10.48
N CYS A 64 10.88 -12.39 -9.18
CA CYS A 64 11.62 -13.41 -8.45
C CYS A 64 10.92 -14.76 -8.37
N GLY A 65 9.74 -14.86 -9.01
CA GLY A 65 9.06 -16.13 -9.18
C GLY A 65 7.86 -16.33 -8.27
N LEU A 66 7.58 -15.35 -7.40
CA LEU A 66 6.43 -15.58 -6.48
C LEU A 66 5.12 -15.21 -7.27
N VAL A 67 4.02 -15.79 -6.82
CA VAL A 67 2.79 -15.75 -7.63
C VAL A 67 1.67 -15.14 -6.79
N PRO A 68 0.73 -14.44 -7.43
CA PRO A 68 -0.45 -13.94 -6.63
C PRO A 68 -1.38 -15.09 -6.26
N VAL A 69 -1.98 -15.02 -5.06
CA VAL A 69 -2.81 -16.11 -4.52
C VAL A 69 -4.28 -15.67 -4.33
N LEU A 70 -4.51 -14.57 -3.59
CA LEU A 70 -5.85 -14.02 -3.31
C LEU A 70 -5.63 -12.49 -3.31
N ALA A 71 -6.67 -11.72 -3.66
CA ALA A 71 -6.49 -10.24 -3.65
C ALA A 71 -7.38 -9.60 -2.61
N GLU A 72 -6.97 -8.44 -2.05
CA GLU A 72 -7.93 -7.70 -1.23
C GLU A 72 -9.09 -7.25 -2.09
N ASN A 73 -10.27 -7.33 -1.48
CA ASN A 73 -11.52 -6.79 -2.13
C ASN A 73 -12.15 -5.89 -1.11
N ARG A 74 -12.35 -4.65 -1.45
CA ARG A 74 -12.95 -3.77 -0.43
C ARG A 74 -14.47 -3.71 -0.75
N LYS A 75 -15.23 -3.00 0.09
CA LYS A 75 -16.64 -2.70 -0.22
C LYS A 75 -16.88 -2.35 -1.73
N SER A 76 -17.77 -3.05 -2.43
CA SER A 76 -18.05 -2.69 -3.84
C SER A 76 -18.84 -1.38 -3.92
N SER A 77 -18.54 -0.57 -4.94
CA SER A 77 -19.27 0.66 -5.24
C SER A 77 -20.70 0.35 -5.75
N LYS A 78 -20.84 -0.74 -6.52
CA LYS A 78 -22.10 -1.12 -7.18
C LYS A 78 -22.76 -2.32 -6.50
N HIS A 79 -24.02 -2.61 -6.88
CA HIS A 79 -24.75 -3.77 -6.31
C HIS A 79 -24.31 -5.08 -6.90
N SER A 80 -23.95 -6.01 -6.02
CA SER A 80 -23.49 -7.32 -6.41
C SER A 80 -24.08 -8.35 -5.45
N SER A 81 -24.76 -9.33 -6.04
CA SER A 81 -25.24 -10.50 -5.29
C SER A 81 -24.09 -11.48 -5.04
N LEU A 82 -23.04 -11.40 -5.85
CA LEU A 82 -21.84 -12.20 -5.65
C LEU A 82 -21.26 -12.11 -4.23
N ASP A 83 -20.92 -13.26 -3.69
CA ASP A 83 -20.17 -13.27 -2.44
C ASP A 83 -18.83 -12.51 -2.68
N CYS A 84 -18.39 -11.79 -1.65
CA CYS A 84 -17.10 -11.03 -1.71
C CYS A 84 -15.97 -11.91 -2.29
N VAL A 85 -15.93 -13.20 -1.93
CA VAL A 85 -14.75 -14.03 -2.25
C VAL A 85 -14.72 -14.30 -3.74
N LEU A 86 -15.91 -14.16 -4.38
CA LEU A 86 -16.08 -14.43 -5.81
C LEU A 86 -16.20 -13.20 -6.67
N ARG A 87 -16.26 -12.04 -6.05
CA ARG A 87 -16.42 -10.79 -6.79
C ARG A 87 -15.09 -10.37 -7.49
N PRO A 88 -15.15 -9.97 -8.77
CA PRO A 88 -13.92 -9.45 -9.41
C PRO A 88 -13.42 -8.19 -8.65
N THR A 89 -12.11 -8.01 -8.52
CA THR A 89 -11.60 -6.80 -7.83
C THR A 89 -11.76 -5.58 -8.78
N GLU A 90 -11.83 -4.36 -8.23
CA GLU A 90 -12.12 -3.13 -9.00
C GLU A 90 -10.89 -2.17 -9.12
N GLY A 91 -9.88 -2.42 -8.35
CA GLY A 91 -8.67 -1.53 -8.36
C GLY A 91 -8.98 -0.30 -7.53
N TYR A 92 -7.95 0.45 -7.12
CA TYR A 92 -8.18 1.64 -6.31
C TYR A 92 -7.59 2.82 -7.06
N LEU A 93 -8.04 4.07 -6.69
CA LEU A 93 -7.58 5.21 -7.48
C LEU A 93 -6.36 5.85 -6.81
N ALA A 94 -5.25 5.85 -7.50
CA ALA A 94 -4.11 6.61 -7.03
C ALA A 94 -4.43 8.13 -7.22
N VAL A 95 -4.17 8.90 -6.18
CA VAL A 95 -4.42 10.34 -6.29
C VAL A 95 -3.24 11.17 -5.76
N ALA A 96 -3.18 12.45 -6.11
CA ALA A 96 -2.23 13.44 -5.52
C ALA A 96 -3.12 14.42 -4.71
N VAL A 97 -2.86 14.58 -3.40
CA VAL A 97 -3.71 15.34 -2.49
C VAL A 97 -2.86 16.50 -1.96
N VAL A 98 -3.54 17.66 -1.96
CA VAL A 98 -2.91 18.89 -1.37
C VAL A 98 -3.95 19.54 -0.43
N LYS A 99 -3.46 20.51 0.36
CA LYS A 99 -4.42 21.35 1.12
C LYS A 99 -5.05 22.45 0.22
N LYS A 100 -6.33 22.55 0.40
CA LYS A 100 -7.14 23.58 -0.35
C LYS A 100 -6.50 24.98 -0.11
N ALA A 101 -6.00 25.20 1.12
CA ALA A 101 -5.34 26.50 1.52
C ALA A 101 -4.03 26.80 0.75
N ASN A 102 -3.42 25.78 0.11
CA ASN A 102 -2.18 25.98 -0.60
C ASN A 102 -2.67 26.26 -2.03
N GLU A 103 -3.13 27.50 -2.21
CA GLU A 103 -3.84 27.81 -3.41
C GLU A 103 -3.13 27.83 -4.72
N GLY A 104 -1.86 28.18 -4.81
CA GLY A 104 -1.40 28.07 -6.26
C GLY A 104 -1.04 26.67 -6.83
N LEU A 105 -1.22 25.63 -6.03
CA LEU A 105 -0.45 24.42 -6.29
C LEU A 105 -1.28 23.52 -7.23
N THR A 106 -0.74 23.16 -8.36
CA THR A 106 -1.37 22.16 -9.21
C THR A 106 -0.33 21.12 -9.62
N TRP A 107 -0.82 20.14 -10.38
CA TRP A 107 0.10 19.14 -10.97
C TRP A 107 1.32 19.79 -11.65
N ASN A 108 1.09 20.93 -12.38
CA ASN A 108 2.10 21.58 -13.17
C ASN A 108 2.97 22.52 -12.41
N SER A 109 2.74 22.67 -11.12
CA SER A 109 3.68 23.44 -10.31
C SER A 109 4.29 22.67 -9.12
N LEU A 110 4.32 21.35 -9.27
CA LEU A 110 4.94 20.46 -8.26
C LEU A 110 6.44 20.58 -8.12
N LYS A 111 7.16 20.99 -9.17
CA LYS A 111 8.60 21.11 -9.06
C LYS A 111 9.03 21.97 -7.85
N ASP A 112 10.07 21.50 -7.16
CA ASP A 112 10.57 22.14 -5.92
C ASP A 112 9.65 22.23 -4.71
N LYS A 113 8.51 21.55 -4.73
CA LYS A 113 7.67 21.47 -3.54
C LYS A 113 8.06 20.26 -2.68
N LYS A 114 7.34 20.10 -1.56
CA LYS A 114 7.72 19.02 -0.57
C LYS A 114 6.68 17.92 -0.76
N SER A 115 7.19 16.70 -0.87
CA SER A 115 6.22 15.58 -1.11
C SER A 115 6.21 14.49 -0.05
N CYS A 116 5.09 13.81 0.03
CA CYS A 116 4.93 12.72 1.00
C CYS A 116 4.52 11.48 0.19
N HIS A 117 5.29 10.42 0.31
CA HIS A 117 5.00 9.14 -0.42
C HIS A 117 4.83 8.02 0.48
N THR A 118 4.02 7.04 0.05
CA THR A 118 3.81 5.90 0.95
C THR A 118 5.13 5.15 1.24
N ALA A 119 5.88 4.85 0.16
CA ALA A 119 7.23 4.30 0.23
C ALA A 119 7.77 4.19 -1.18
N VAL A 120 9.08 4.11 -1.32
CA VAL A 120 9.63 3.79 -2.68
C VAL A 120 9.11 2.42 -3.07
N ASP A 121 8.91 2.34 -4.39
CA ASP A 121 8.48 1.13 -5.05
C ASP A 121 7.00 0.78 -4.85
N ARG A 122 6.19 1.57 -4.15
CA ARG A 122 4.70 1.23 -4.04
C ARG A 122 3.94 1.97 -5.16
N THR A 123 2.77 1.45 -5.52
CA THR A 123 1.98 1.96 -6.69
C THR A 123 1.61 3.44 -6.63
N ALA A 124 0.73 3.79 -5.73
CA ALA A 124 0.20 5.16 -5.68
C ALA A 124 1.24 6.06 -5.05
N GLY A 125 2.06 5.54 -4.16
CA GLY A 125 3.00 6.47 -3.47
C GLY A 125 4.21 6.77 -4.35
N TRP A 126 4.47 5.91 -5.35
CA TRP A 126 5.74 6.09 -6.00
C TRP A 126 5.72 5.76 -7.49
N ASN A 127 5.36 4.53 -7.88
CA ASN A 127 5.59 4.12 -9.27
C ASN A 127 4.75 4.99 -10.23
N ILE A 128 3.50 5.24 -9.83
CA ILE A 128 2.62 6.08 -10.70
C ILE A 128 3.09 7.58 -10.75
N PRO A 129 3.23 8.26 -9.60
CA PRO A 129 3.59 9.69 -9.70
C PRO A 129 5.01 9.86 -10.20
N MET A 130 5.95 9.04 -9.73
CA MET A 130 7.30 9.28 -10.23
C MET A 130 7.47 8.83 -11.68
N GLY A 131 6.76 7.76 -12.06
CA GLY A 131 6.78 7.38 -13.53
C GLY A 131 6.23 8.52 -14.38
N LEU A 132 5.14 9.14 -13.96
CA LEU A 132 4.53 10.29 -14.71
C LEU A 132 5.54 11.46 -14.71
N ILE A 133 6.11 11.75 -13.57
CA ILE A 133 7.05 12.89 -13.50
C ILE A 133 8.29 12.71 -14.35
N VAL A 134 8.92 11.53 -14.30
CA VAL A 134 10.05 11.19 -15.23
C VAL A 134 9.66 11.44 -16.67
N ASN A 135 8.49 10.92 -17.06
CA ASN A 135 8.04 11.01 -18.42
C ASN A 135 7.81 12.44 -18.81
N GLN A 136 7.10 13.18 -17.97
CA GLN A 136 6.76 14.57 -18.34
C GLN A 136 7.96 15.48 -18.32
N THR A 137 8.90 15.25 -17.43
CA THR A 137 10.14 16.10 -17.36
C THR A 137 11.21 15.64 -18.38
N GLY A 138 11.05 14.45 -18.95
CA GLY A 138 12.13 13.82 -19.73
C GLY A 138 13.46 13.60 -19.02
N SER A 139 13.41 13.33 -17.72
CA SER A 139 14.62 13.22 -16.95
C SER A 139 14.51 12.12 -15.92
N CYS A 140 15.55 11.32 -15.78
CA CYS A 140 15.56 10.28 -14.73
C CYS A 140 15.88 10.80 -13.33
N ALA A 141 16.20 12.10 -13.20
CA ALA A 141 16.70 12.66 -11.95
C ALA A 141 15.48 13.00 -11.03
N PHE A 142 14.61 12.02 -10.86
CA PHE A 142 13.43 12.19 -10.00
C PHE A 142 13.79 12.44 -8.52
N ASP A 143 15.05 12.24 -8.16
CA ASP A 143 15.50 12.51 -6.80
C ASP A 143 15.86 13.95 -6.61
N GLU A 144 15.72 14.72 -7.64
CA GLU A 144 15.95 16.16 -7.58
C GLU A 144 14.78 17.00 -8.01
N PHE A 145 13.63 16.36 -8.16
CA PHE A 145 12.42 17.06 -8.55
C PHE A 145 11.79 17.82 -7.38
N PHE A 146 11.50 17.13 -6.30
CA PHE A 146 10.88 17.83 -5.15
C PHE A 146 12.02 18.36 -4.31
N SER A 147 11.81 19.45 -3.63
CA SER A 147 12.90 20.02 -2.83
C SER A 147 13.27 19.10 -1.63
N GLN A 148 12.22 18.52 -0.98
CA GLN A 148 12.43 17.56 0.13
C GLN A 148 11.26 16.59 0.10
N SER A 149 11.50 15.37 0.51
CA SER A 149 10.36 14.43 0.58
C SER A 149 10.46 13.49 1.80
N CYS A 150 9.36 12.80 2.08
CA CYS A 150 9.46 11.57 2.83
C CYS A 150 9.07 10.46 1.91
N ALA A 151 10.05 9.61 1.60
CA ALA A 151 9.81 8.48 0.58
C ALA A 151 10.49 7.29 1.31
N PRO A 152 9.79 6.68 2.23
CA PRO A 152 10.42 5.55 2.99
C PRO A 152 11.04 4.51 2.13
N GLY A 153 12.24 4.08 2.53
CA GLY A 153 13.06 3.16 1.72
C GLY A 153 14.16 3.79 0.87
N ALA A 154 14.15 5.14 0.75
CA ALA A 154 15.22 5.88 0.06
C ALA A 154 16.43 6.07 1.03
N ASP A 155 17.50 6.65 0.52
CA ASP A 155 18.70 6.80 1.42
C ASP A 155 18.38 7.82 2.50
N PRO A 156 18.55 7.46 3.79
CA PRO A 156 18.11 8.33 4.88
C PRO A 156 18.81 9.68 4.91
N LYS A 157 20.00 9.77 4.31
CA LYS A 157 20.62 11.13 4.23
C LYS A 157 20.20 12.03 3.12
N SER A 158 19.39 11.52 2.21
CA SER A 158 19.07 12.19 0.94
C SER A 158 17.83 13.03 1.14
N ARG A 159 17.60 13.88 0.15
CA ARG A 159 16.46 14.82 0.13
C ARG A 159 15.15 14.01 0.16
N LEU A 160 15.22 12.83 -0.42
CA LEU A 160 13.97 11.99 -0.46
C LEU A 160 13.54 11.49 0.89
N CYS A 161 14.44 11.50 1.91
CA CYS A 161 14.11 11.18 3.35
C CYS A 161 14.06 12.31 4.31
N ALA A 162 14.27 13.55 3.77
CA ALA A 162 14.46 14.73 4.68
C ALA A 162 13.24 14.99 5.54
N LEU A 163 12.03 14.67 5.04
CA LEU A 163 10.80 14.95 5.84
C LEU A 163 10.35 13.80 6.69
N CYS A 164 11.00 12.61 6.52
CA CYS A 164 10.54 11.49 7.34
C CYS A 164 10.95 11.70 8.82
N ALA A 165 10.17 11.13 9.69
CA ALA A 165 10.35 11.48 11.11
C ALA A 165 10.81 10.32 11.99
N GLY A 166 10.84 9.08 11.49
CA GLY A 166 11.24 7.95 12.37
C GLY A 166 10.12 7.66 13.41
N ASP A 167 10.54 6.93 14.47
CA ASP A 167 9.64 6.43 15.48
C ASP A 167 9.54 7.40 16.67
N ASP A 168 8.82 6.97 17.72
CA ASP A 168 8.63 7.82 18.91
C ASP A 168 9.93 8.49 19.31
N GLN A 169 11.01 7.70 19.35
CA GLN A 169 12.36 8.20 19.66
C GLN A 169 13.12 8.90 18.56
N GLY A 170 12.52 9.07 17.38
CA GLY A 170 13.31 9.54 16.25
C GLY A 170 14.35 8.56 15.73
N LEU A 171 14.21 7.26 16.05
CA LEU A 171 15.02 6.20 15.48
C LEU A 171 14.30 5.74 14.19
N ASP A 172 15.04 5.10 13.30
CA ASP A 172 14.47 4.41 12.13
C ASP A 172 13.86 5.44 11.15
N LYS A 173 14.39 6.64 11.11
CA LYS A 173 13.88 7.62 10.10
C LYS A 173 13.95 7.01 8.70
N CYS A 174 12.86 7.19 7.97
CA CYS A 174 12.77 6.72 6.61
C CYS A 174 12.71 5.16 6.43
N VAL A 175 12.65 4.35 7.46
CA VAL A 175 12.60 2.90 7.20
C VAL A 175 11.21 2.67 6.56
N PRO A 176 11.12 1.69 5.64
CA PRO A 176 9.84 1.40 4.99
C PRO A 176 9.02 0.39 5.78
N ASN A 177 8.65 0.79 6.98
CA ASN A 177 7.70 0.04 7.77
C ASN A 177 6.98 0.97 8.70
N SER A 178 5.98 0.44 9.37
CA SER A 178 4.98 1.29 10.11
C SER A 178 5.64 2.02 11.29
N LYS A 179 6.85 1.65 11.70
CA LYS A 179 7.60 2.43 12.74
C LYS A 179 7.86 3.85 12.28
N GLU A 180 7.98 4.06 10.98
CA GLU A 180 8.26 5.42 10.47
C GLU A 180 6.90 6.16 10.52
N LYS A 181 6.84 7.31 11.21
CA LYS A 181 5.56 8.05 11.42
C LYS A 181 4.84 8.31 10.09
N TYR A 182 5.60 8.58 9.03
CA TYR A 182 4.98 8.98 7.72
C TYR A 182 4.96 7.83 6.71
N TYR A 183 5.08 6.59 7.23
CA TYR A 183 5.01 5.44 6.29
C TYR A 183 3.58 5.11 5.84
N GLY A 184 3.52 4.68 4.59
CA GLY A 184 2.28 4.01 4.12
C GLY A 184 1.22 5.01 3.73
N TYR A 185 0.03 4.46 3.42
CA TYR A 185 -1.05 5.41 3.12
C TYR A 185 -1.35 6.43 4.19
N THR A 186 -1.54 5.89 5.40
CA THR A 186 -1.97 6.83 6.48
C THR A 186 -0.80 7.77 6.89
N GLY A 187 0.44 7.24 6.86
CA GLY A 187 1.64 8.08 7.19
C GLY A 187 1.86 9.19 6.17
N ALA A 188 1.68 8.86 4.86
CA ALA A 188 1.86 9.85 3.89
C ALA A 188 0.72 10.93 3.96
N PHE A 189 -0.49 10.48 4.23
CA PHE A 189 -1.58 11.45 4.38
C PHE A 189 -1.33 12.29 5.66
N ARG A 190 -0.83 11.68 6.73
CA ARG A 190 -0.50 12.46 7.94
C ARG A 190 0.60 13.51 7.62
N CYS A 191 1.59 13.12 6.81
CA CYS A 191 2.65 14.04 6.38
C CYS A 191 2.03 15.29 5.71
N LEU A 192 1.00 15.09 4.88
CA LEU A 192 0.32 16.31 4.32
C LEU A 192 -0.58 16.98 5.35
N ALA A 193 -1.28 16.22 6.18
CA ALA A 193 -2.24 16.82 7.14
C ALA A 193 -1.45 17.77 8.06
N GLU A 194 -0.26 17.37 8.43
CA GLU A 194 0.54 18.18 9.38
C GLU A 194 1.31 19.28 8.68
N ASP A 195 1.19 19.42 7.35
CA ASP A 195 1.92 20.40 6.52
C ASP A 195 3.37 20.22 6.55
N VAL A 196 3.77 18.94 6.76
CA VAL A 196 5.21 18.62 6.56
C VAL A 196 5.50 18.63 5.07
N GLY A 197 4.57 18.09 4.30
CA GLY A 197 4.66 18.15 2.82
C GLY A 197 3.58 19.04 2.21
N ASP A 198 3.83 19.41 0.91
CA ASP A 198 2.80 20.12 0.15
C ASP A 198 1.81 19.15 -0.55
N VAL A 199 2.27 17.93 -0.81
CA VAL A 199 1.39 17.01 -1.60
C VAL A 199 1.65 15.61 -1.03
N ALA A 200 0.59 14.77 -1.04
CA ALA A 200 0.70 13.36 -0.63
C ALA A 200 0.24 12.51 -1.83
N PHE A 201 1.04 11.45 -2.08
CA PHE A 201 0.68 10.45 -3.13
C PHE A 201 0.13 9.26 -2.39
N VAL A 202 -1.20 9.16 -2.41
CA VAL A 202 -1.93 8.09 -1.71
C VAL A 202 -3.05 7.63 -2.58
N LYS A 203 -4.05 6.98 -1.96
CA LYS A 203 -5.21 6.64 -2.81
C LYS A 203 -6.44 7.34 -2.34
N ASN A 204 -7.49 7.26 -3.13
CA ASN A 204 -8.73 7.97 -2.77
C ASN A 204 -9.26 7.57 -1.37
N ASP A 205 -9.24 6.26 -1.04
CA ASP A 205 -9.83 5.83 0.18
C ASP A 205 -9.17 6.46 1.38
N THR A 206 -7.87 6.62 1.26
CA THR A 206 -7.12 7.23 2.38
C THR A 206 -7.69 8.55 2.89
N VAL A 207 -8.05 9.38 1.93
CA VAL A 207 -8.49 10.73 2.28
C VAL A 207 -9.81 10.54 3.05
N TRP A 208 -10.74 9.73 2.51
CA TRP A 208 -12.06 9.55 3.17
C TRP A 208 -11.99 8.92 4.51
N GLU A 209 -11.09 7.92 4.70
CA GLU A 209 -11.01 7.17 5.92
C GLU A 209 -10.34 7.90 7.10
N ASN A 210 -9.72 9.06 6.81
CA ASN A 210 -8.93 9.79 7.81
C ASN A 210 -9.42 11.21 7.91
N THR A 211 -10.67 11.38 7.50
CA THR A 211 -11.30 12.74 7.62
C THR A 211 -12.71 12.66 8.18
N ASN A 212 -13.22 13.81 8.67
CA ASN A 212 -14.69 13.93 9.01
C ASN A 212 -15.14 12.91 10.03
N GLY A 213 -14.26 12.59 10.97
CA GLY A 213 -14.50 11.71 12.09
C GLY A 213 -14.35 10.23 11.78
N GLU A 214 -13.94 9.90 10.54
CA GLU A 214 -13.82 8.46 10.14
C GLU A 214 -12.62 7.86 10.87
N SER A 215 -11.68 8.73 11.23
CA SER A 215 -10.64 8.31 12.18
C SER A 215 -10.66 9.14 13.45
N THR A 216 -10.47 8.45 14.59
CA THR A 216 -10.43 9.11 15.89
C THR A 216 -8.99 9.28 16.33
N ALA A 217 -8.05 8.81 15.49
CA ALA A 217 -6.66 9.10 15.77
C ALA A 217 -6.34 10.60 16.00
N ASP A 218 -5.41 10.87 16.91
CA ASP A 218 -5.21 12.24 17.32
C ASP A 218 -4.92 13.23 16.19
N TRP A 219 -4.09 12.78 15.24
CA TRP A 219 -3.69 13.65 14.17
C TRP A 219 -4.80 13.81 13.11
N ALA A 220 -5.75 12.87 13.10
CA ALA A 220 -6.77 12.82 12.02
C ALA A 220 -8.15 13.35 12.46
N LYS A 221 -8.33 13.37 13.77
CA LYS A 221 -9.71 13.40 14.33
C LYS A 221 -10.33 14.73 14.00
N ASN A 222 -9.53 15.75 13.82
CA ASN A 222 -10.06 17.06 13.43
C ASN A 222 -9.97 17.44 11.95
N LEU A 223 -9.56 16.54 11.07
CA LEU A 223 -9.44 16.91 9.69
C LEU A 223 -10.78 16.92 8.96
N LYS A 224 -10.96 17.89 8.09
CA LYS A 224 -12.18 18.02 7.27
C LYS A 224 -11.86 17.86 5.81
N ARG A 225 -12.62 16.99 5.17
CA ARG A 225 -12.45 16.73 3.74
C ARG A 225 -12.42 17.96 2.86
N GLU A 226 -13.18 18.99 3.26
CA GLU A 226 -13.28 20.11 2.42
C GLU A 226 -11.99 20.95 2.45
N ASP A 227 -11.09 20.61 3.36
CA ASP A 227 -9.82 21.35 3.44
C ASP A 227 -8.75 20.70 2.52
N PHE A 228 -9.17 19.68 1.73
CA PHE A 228 -8.25 19.03 0.80
C PHE A 228 -8.73 19.16 -0.62
N ARG A 229 -7.81 19.04 -1.56
CA ARG A 229 -8.13 19.02 -2.98
C ARG A 229 -7.23 17.96 -3.66
N LEU A 230 -7.77 17.40 -4.71
CA LEU A 230 -7.01 16.47 -5.54
C LEU A 230 -6.38 17.23 -6.68
N LEU A 231 -5.23 16.79 -7.13
CA LEU A 231 -4.58 17.41 -8.28
C LEU A 231 -4.86 16.57 -9.51
N CYS A 232 -5.44 17.14 -10.57
CA CYS A 232 -5.75 16.36 -11.80
C CYS A 232 -4.61 16.51 -12.80
N LEU A 233 -4.44 15.52 -13.67
CA LEU A 233 -3.35 15.59 -14.65
C LEU A 233 -3.51 16.75 -15.67
N ASP A 234 -4.71 17.26 -15.81
CA ASP A 234 -4.86 18.41 -16.74
C ASP A 234 -4.60 19.74 -16.07
N GLY A 235 -4.01 19.76 -14.88
CA GLY A 235 -3.68 21.00 -14.25
C GLY A 235 -4.74 21.63 -13.38
N THR A 236 -5.94 21.02 -13.27
CA THR A 236 -7.01 21.52 -12.41
C THR A 236 -6.93 20.91 -11.02
N ARG A 237 -7.70 21.48 -10.08
CA ARG A 237 -7.80 20.98 -8.73
C ARG A 237 -9.28 20.67 -8.49
N LYS A 238 -9.58 19.48 -7.96
CA LYS A 238 -10.94 19.18 -7.59
C LYS A 238 -11.17 18.79 -6.12
N PRO A 239 -12.38 18.86 -5.60
CA PRO A 239 -12.77 18.34 -4.30
C PRO A 239 -12.58 16.83 -4.31
N VAL A 240 -12.33 16.33 -3.14
CA VAL A 240 -11.97 14.93 -3.01
C VAL A 240 -13.17 13.99 -3.29
N THR A 241 -14.40 14.49 -3.50
CA THR A 241 -15.53 13.75 -4.05
C THR A 241 -15.36 13.40 -5.52
N GLU A 242 -14.38 14.00 -6.21
CA GLU A 242 -14.29 13.82 -7.68
C GLU A 242 -13.15 12.92 -8.13
N ALA A 243 -12.73 12.01 -7.22
CA ALA A 243 -11.56 11.16 -7.56
C ALA A 243 -11.76 10.35 -8.89
N GLN A 244 -13.01 10.05 -9.21
CA GLN A 244 -13.29 9.26 -10.46
C GLN A 244 -12.92 10.00 -11.67
N SER A 245 -12.86 11.35 -11.58
CA SER A 245 -12.41 12.15 -12.70
C SER A 245 -11.15 12.95 -12.50
N CYS A 246 -10.42 12.63 -11.41
CA CYS A 246 -9.20 13.42 -11.10
C CYS A 246 -8.28 12.45 -10.29
N HIS A 247 -7.87 11.42 -11.01
CA HIS A 247 -6.85 10.49 -10.44
C HIS A 247 -5.67 10.38 -11.37
N LEU A 248 -4.55 9.80 -10.83
CA LEU A 248 -3.36 9.53 -11.60
C LEU A 248 -3.35 8.22 -12.34
N ALA A 249 -4.03 7.26 -11.75
CA ALA A 249 -4.10 5.90 -12.24
C ALA A 249 -5.06 5.09 -11.47
N VAL A 250 -5.49 3.98 -12.11
CA VAL A 250 -6.17 2.99 -11.34
C VAL A 250 -5.18 1.81 -11.03
N ALA A 251 -4.97 1.54 -9.76
CA ALA A 251 -3.98 0.51 -9.27
C ALA A 251 -4.61 -0.82 -9.06
N PRO A 252 -3.84 -1.89 -9.31
CA PRO A 252 -4.33 -3.22 -8.97
C PRO A 252 -4.36 -3.44 -7.47
N ASN A 253 -5.40 -4.04 -6.91
CA ASN A 253 -5.50 -4.18 -5.44
C ASN A 253 -4.30 -4.95 -4.88
N HIS A 254 -3.95 -4.56 -3.65
CA HIS A 254 -2.99 -5.37 -2.91
C HIS A 254 -3.38 -6.82 -2.90
N ALA A 255 -2.40 -7.73 -2.86
CA ALA A 255 -2.72 -9.15 -2.95
C ALA A 255 -1.66 -9.99 -2.20
N VAL A 256 -2.08 -11.20 -1.82
CA VAL A 256 -1.16 -12.16 -1.18
C VAL A 256 -0.30 -12.85 -2.27
N VAL A 257 1.01 -12.97 -1.97
CA VAL A 257 1.84 -13.74 -2.84
C VAL A 257 2.52 -14.82 -2.09
N SER A 258 2.90 -15.86 -2.83
CA SER A 258 3.60 -17.00 -2.19
C SER A 258 4.51 -17.66 -3.21
N ARG A 259 5.38 -18.56 -2.79
CA ARG A 259 5.93 -19.47 -3.81
C ARG A 259 4.88 -20.22 -4.45
N SER A 260 5.14 -20.47 -5.73
CA SER A 260 4.25 -21.22 -6.51
C SER A 260 3.93 -22.62 -5.91
N ASP A 261 4.94 -23.30 -5.33
CA ASP A 261 4.63 -24.56 -4.71
C ASP A 261 3.83 -24.58 -3.44
N ARG A 262 3.65 -23.41 -2.79
CA ARG A 262 2.81 -23.36 -1.63
C ARG A 262 1.51 -22.54 -1.83
N ALA A 263 1.31 -22.06 -3.04
CA ALA A 263 0.08 -21.18 -3.30
C ALA A 263 -1.26 -21.88 -3.00
N ALA A 264 -1.46 -23.15 -3.42
CA ALA A 264 -2.74 -23.75 -3.14
C ALA A 264 -2.96 -23.95 -1.64
N HIS A 265 -1.88 -24.31 -0.91
CA HIS A 265 -2.07 -24.48 0.53
C HIS A 265 -2.32 -23.15 1.20
N VAL A 266 -1.55 -22.16 0.78
CA VAL A 266 -1.78 -20.80 1.35
C VAL A 266 -3.18 -20.29 1.09
N GLU A 267 -3.67 -20.49 -0.14
CA GLU A 267 -5.04 -20.12 -0.48
C GLU A 267 -6.09 -20.77 0.45
N GLN A 268 -5.98 -22.09 0.61
CA GLN A 268 -6.96 -22.82 1.41
C GLN A 268 -6.97 -22.37 2.87
N VAL A 269 -5.78 -22.13 3.43
CA VAL A 269 -5.65 -21.76 4.81
C VAL A 269 -6.26 -20.37 4.95
N LEU A 270 -5.93 -19.46 4.01
CA LEU A 270 -6.47 -18.07 4.14
C LEU A 270 -7.99 -18.04 4.03
N LEU A 271 -8.56 -18.82 3.10
CA LEU A 271 -10.05 -18.83 3.01
C LEU A 271 -10.70 -19.26 4.31
N HIS A 272 -10.08 -20.22 4.96
CA HIS A 272 -10.57 -20.65 6.29
C HIS A 272 -10.28 -19.63 7.37
N GLN A 273 -9.09 -19.00 7.32
CA GLN A 273 -8.83 -18.00 8.38
C GLN A 273 -9.78 -16.78 8.32
N GLN A 274 -10.12 -16.38 7.10
CA GLN A 274 -11.01 -15.19 6.93
C GLN A 274 -12.45 -15.58 7.32
N ALA A 275 -12.77 -16.85 7.12
CA ALA A 275 -14.10 -17.31 7.69
C ALA A 275 -14.19 -17.17 9.22
N LEU A 276 -13.07 -17.34 9.95
CA LEU A 276 -13.02 -17.12 11.36
C LEU A 276 -12.83 -15.66 11.70
N PHE A 277 -11.93 -14.98 10.98
CA PHE A 277 -11.47 -13.67 11.51
C PHE A 277 -11.73 -12.46 10.60
N GLY A 278 -12.35 -12.71 9.46
CA GLY A 278 -12.61 -11.70 8.47
C GLY A 278 -13.81 -10.85 8.89
N LYS A 279 -14.26 -10.04 7.94
CA LYS A 279 -15.39 -9.12 8.21
C LYS A 279 -16.63 -10.02 8.37
N ASN A 280 -17.37 -9.87 9.47
CA ASN A 280 -18.42 -10.85 9.82
C ASN A 280 -17.95 -12.27 10.09
N GLY A 281 -16.63 -12.48 10.26
CA GLY A 281 -16.10 -13.77 10.58
C GLY A 281 -16.63 -14.31 11.90
N LYS A 282 -16.59 -15.63 12.03
CA LYS A 282 -17.17 -16.29 13.21
C LYS A 282 -16.63 -15.77 14.53
N ASN A 283 -15.37 -15.36 14.55
CA ASN A 283 -14.73 -14.87 15.73
C ASN A 283 -14.26 -13.42 15.73
N CYS A 284 -14.82 -12.63 14.83
CA CYS A 284 -14.58 -11.20 14.72
C CYS A 284 -15.95 -10.54 14.86
N PRO A 285 -16.09 -9.63 15.85
CA PRO A 285 -15.04 -8.96 16.68
C PRO A 285 -14.69 -9.55 18.02
N ASP A 286 -15.40 -10.60 18.42
CA ASP A 286 -15.20 -11.23 19.72
C ASP A 286 -13.74 -11.53 20.09
N LYS A 287 -12.98 -12.17 19.20
CA LYS A 287 -11.67 -12.68 19.56
C LYS A 287 -10.57 -11.99 18.78
N PHE A 288 -10.72 -11.86 17.45
CA PHE A 288 -9.65 -11.28 16.64
C PHE A 288 -10.20 -10.87 15.26
N CYS A 289 -9.84 -9.66 14.78
CA CYS A 289 -10.28 -9.29 13.44
C CYS A 289 -9.02 -9.12 12.56
N LEU A 290 -8.93 -9.95 11.55
CA LEU A 290 -7.76 -10.00 10.65
C LEU A 290 -7.61 -8.68 9.90
N PHE A 291 -8.72 -7.97 9.62
CA PHE A 291 -8.69 -6.82 8.71
C PHE A 291 -8.95 -5.53 9.52
N LYS A 292 -8.65 -5.53 10.81
CA LYS A 292 -8.56 -4.31 11.67
C LYS A 292 -7.18 -4.12 12.33
N SER A 293 -6.76 -2.85 12.48
CA SER A 293 -5.53 -2.58 13.26
C SER A 293 -5.56 -1.07 13.63
N GLU A 294 -6.71 -0.65 14.12
CA GLU A 294 -6.90 0.81 14.39
C GLU A 294 -6.31 1.79 13.33
N THR A 295 -6.70 1.55 12.08
CA THR A 295 -6.36 2.40 10.88
C THR A 295 -4.90 2.29 10.35
N LYS A 296 -4.10 1.42 10.90
CA LYS A 296 -2.75 1.44 10.60
C LYS A 296 -2.46 0.45 9.47
N ASN A 297 -3.50 -0.25 8.99
CA ASN A 297 -3.28 -1.09 7.75
C ASN A 297 -2.18 -2.10 7.94
N LEU A 298 -2.23 -2.80 9.08
CA LEU A 298 -1.21 -3.78 9.36
C LEU A 298 -1.59 -5.18 8.83
N LEU A 299 -0.70 -5.72 7.99
CA LEU A 299 -0.86 -7.07 7.32
C LEU A 299 -1.80 -6.93 6.12
N PHE A 300 -2.99 -6.29 6.34
CA PHE A 300 -3.92 -6.03 5.32
C PHE A 300 -4.44 -4.61 5.51
N ASN A 301 -4.94 -4.02 4.42
CA ASN A 301 -5.66 -2.73 4.59
C ASN A 301 -6.91 -2.91 5.45
N ASP A 302 -7.10 -1.93 6.32
CA ASP A 302 -8.27 -1.92 7.20
C ASP A 302 -9.57 -1.92 6.44
N ASN A 303 -9.59 -1.43 5.22
CA ASN A 303 -10.84 -1.41 4.46
C ASN A 303 -11.10 -2.72 3.67
N THR A 304 -10.34 -3.78 3.91
CA THR A 304 -10.55 -5.04 3.22
C THR A 304 -11.82 -5.71 3.75
N GLU A 305 -12.73 -6.06 2.85
CA GLU A 305 -13.94 -6.83 3.21
C GLU A 305 -13.66 -8.34 3.19
N CYS A 306 -12.85 -8.80 2.21
CA CYS A 306 -12.38 -10.20 2.19
C CYS A 306 -11.16 -10.30 1.27
N LEU A 307 -10.50 -11.43 1.31
CA LEU A 307 -9.56 -11.77 0.24
C LEU A 307 -10.32 -12.56 -0.81
N ALA A 308 -10.11 -12.19 -2.05
CA ALA A 308 -10.96 -12.80 -3.10
C ALA A 308 -10.16 -13.68 -4.02
N LYS A 309 -10.82 -14.70 -4.53
CA LYS A 309 -10.22 -15.57 -5.53
C LYS A 309 -9.91 -14.86 -6.79
N LEU A 310 -8.81 -15.23 -7.45
CA LEU A 310 -8.46 -14.57 -8.66
C LEU A 310 -9.03 -15.32 -9.91
N GLY A 311 -9.56 -14.61 -10.88
CA GLY A 311 -9.94 -15.30 -12.17
C GLY A 311 -8.74 -15.55 -13.07
N GLY A 312 -8.72 -16.72 -13.76
CA GLY A 312 -7.71 -16.89 -14.83
C GLY A 312 -6.35 -17.41 -14.33
N ARG A 313 -6.28 -17.84 -13.06
CA ARG A 313 -4.99 -18.24 -12.47
C ARG A 313 -3.89 -17.37 -12.98
N PRO A 314 -3.92 -16.07 -12.63
CA PRO A 314 -3.06 -15.15 -13.37
C PRO A 314 -1.62 -15.19 -12.92
N THR A 315 -0.74 -14.93 -13.86
CA THR A 315 0.66 -14.69 -13.52
C THR A 315 0.75 -13.30 -12.87
N TYR A 316 1.91 -12.97 -12.36
CA TYR A 316 1.98 -11.61 -11.77
C TYR A 316 1.74 -10.51 -12.80
N GLU A 317 2.22 -10.69 -14.04
CA GLU A 317 2.02 -9.73 -15.09
C GLU A 317 0.60 -9.65 -15.49
N GLU A 318 -0.13 -10.76 -15.51
CA GLU A 318 -1.53 -10.70 -15.79
C GLU A 318 -2.30 -9.95 -14.69
N TYR A 319 -1.90 -10.20 -13.43
CA TYR A 319 -2.63 -9.64 -12.29
C TYR A 319 -2.34 -8.09 -12.27
N LEU A 320 -1.08 -7.69 -12.48
CA LEU A 320 -0.75 -6.24 -12.42
C LEU A 320 -1.32 -5.51 -13.65
N GLY A 321 -1.40 -6.25 -14.78
CA GLY A 321 -1.73 -5.70 -16.08
C GLY A 321 -0.56 -5.19 -16.87
N THR A 322 -0.61 -5.43 -18.19
CA THR A 322 0.55 -5.09 -19.04
C THR A 322 1.02 -3.61 -18.99
N GLU A 323 0.08 -2.71 -19.00
CA GLU A 323 0.32 -1.26 -19.00
C GLU A 323 1.12 -0.91 -17.73
N TYR A 324 0.63 -1.37 -16.60
CA TYR A 324 1.38 -1.07 -15.29
C TYR A 324 2.74 -1.70 -15.26
N VAL A 325 2.86 -2.98 -15.68
CA VAL A 325 4.15 -3.62 -15.66
C VAL A 325 5.16 -2.86 -16.52
N THR A 326 4.65 -2.48 -17.67
CA THR A 326 5.43 -1.66 -18.62
C THR A 326 5.86 -0.31 -18.02
N ALA A 327 4.91 0.33 -17.34
CA ALA A 327 5.23 1.60 -16.64
C ALA A 327 6.36 1.37 -15.57
N ILE A 328 6.26 0.31 -14.78
CA ILE A 328 7.25 0.08 -13.76
C ILE A 328 8.62 -0.15 -14.40
N ALA A 329 8.63 -1.01 -15.43
CA ALA A 329 9.85 -1.34 -16.10
C ALA A 329 10.57 -0.05 -16.62
N ASN A 330 9.79 0.82 -17.26
CA ASN A 330 10.28 2.14 -17.74
C ASN A 330 10.88 2.99 -16.61
N LEU A 331 10.17 3.10 -15.48
CA LEU A 331 10.70 3.88 -14.41
C LEU A 331 11.98 3.22 -13.86
N LYS A 332 12.04 1.90 -13.77
CA LYS A 332 13.20 1.29 -13.11
C LYS A 332 14.48 1.43 -13.99
N LYS A 333 14.31 1.74 -15.25
CA LYS A 333 15.46 2.07 -16.12
C LYS A 333 16.25 3.27 -15.58
N CYS A 334 15.55 4.17 -14.88
CA CYS A 334 16.27 5.25 -14.19
C CYS A 334 17.18 4.89 -13.03
N SER A 335 17.02 3.70 -12.47
CA SER A 335 17.88 3.33 -11.34
C SER A 335 18.32 1.89 -11.40
N LEU B 1 13.99 -4.97 -16.70
CA LEU B 1 12.87 -5.78 -17.25
C LEU B 1 13.31 -7.24 -17.57
N GLU B 2 13.88 -7.92 -16.56
CA GLU B 2 14.16 -9.38 -16.64
C GLU B 2 14.44 -10.20 -15.33
N ALA B 3 15.61 -10.03 -14.68
CA ALA B 3 16.03 -10.90 -13.55
C ALA B 3 15.49 -10.50 -12.16
N CYS B 4 15.46 -11.47 -11.24
CA CYS B 4 15.14 -11.18 -9.83
C CYS B 4 16.17 -10.18 -9.22
N ALA B 5 15.69 -9.17 -8.50
CA ALA B 5 16.55 -8.12 -7.92
C ALA B 5 17.36 -8.57 -6.70
N PHE B 6 17.24 -9.85 -6.33
CA PHE B 6 18.00 -10.49 -5.21
C PHE B 6 18.84 -11.68 -5.71
C1 NAG C . 6.18 6.61 -19.32
C2 NAG C . 4.90 5.83 -19.14
C3 NAG C . 4.93 4.42 -19.79
C4 NAG C . 5.47 4.51 -21.26
C5 NAG C . 6.78 5.31 -21.29
C6 NAG C . 7.33 5.50 -22.71
C7 NAG C . 3.60 6.13 -17.12
C8 NAG C . 3.58 5.90 -15.62
N2 NAG C . 4.71 5.73 -17.71
O3 NAG C . 3.62 3.81 -19.73
O4 NAG C . 5.76 3.22 -21.84
O5 NAG C . 6.51 6.60 -20.73
O6 NAG C . 6.34 6.17 -23.49
O7 NAG C . 2.61 6.63 -17.71
C1 NAG C . 4.78 2.89 -22.86
C2 NAG C . 5.39 1.76 -23.68
C3 NAG C . 4.50 1.34 -24.84
C4 NAG C . 3.07 1.11 -24.37
C5 NAG C . 2.57 2.30 -23.52
C6 NAG C . 1.20 2.06 -22.88
C7 NAG C . 7.89 1.79 -23.83
C8 NAG C . 9.06 2.44 -24.50
N2 NAG C . 6.66 2.21 -24.18
O3 NAG C . 5.03 0.12 -25.29
O4 NAG C . 2.21 0.77 -25.47
O5 NAG C . 3.50 2.51 -22.46
O6 NAG C . 1.25 0.94 -22.03
O7 NAG C . 8.13 0.93 -23.00
C1 NAG D . -13.21 7.08 -2.45
C2 NAG D . -14.40 6.51 -3.22
C3 NAG D . -15.61 6.58 -2.32
C4 NAG D . -15.36 5.79 -1.04
C5 NAG D . -14.12 6.36 -0.33
C6 NAG D . -13.73 5.50 0.86
C7 NAG D . -14.36 6.80 -5.62
C8 NAG D . -14.57 7.66 -6.83
N2 NAG D . -14.59 7.35 -4.41
O3 NAG D . -16.60 5.92 -3.11
O4 NAG D . -16.45 6.08 -0.24
O5 NAG D . -13.07 6.34 -1.27
O6 NAG D . -13.57 4.14 0.52
O7 NAG D . -14.05 5.64 -5.74
C1 NAG D . -17.01 4.90 0.36
C2 NAG D . -17.85 5.24 1.60
C3 NAG D . -18.81 4.10 2.01
C4 NAG D . -19.59 3.55 0.82
C5 NAG D . -18.48 3.05 -0.12
C6 NAG D . -19.02 2.30 -1.32
C7 NAG D . -16.95 6.78 3.28
C8 NAG D . -16.04 6.91 4.46
N2 NAG D . -16.99 5.56 2.75
O3 NAG D . -19.70 4.52 3.00
O4 NAG D . -20.49 2.51 1.19
O5 NAG D . -17.76 4.19 -0.62
O6 NAG D . -19.84 3.28 -1.94
O7 NAG D . -17.57 7.76 2.88
C1 NAG E . -6.50 -25.37 12.40
C2 NAG E . -7.97 -24.97 12.39
C3 NAG E . -8.83 -26.25 12.53
C4 NAG E . -8.54 -27.30 11.45
C5 NAG E . -7.04 -27.41 11.17
C6 NAG E . -6.82 -28.03 9.78
C7 NAG E . -8.16 -22.71 13.53
C8 NAG E . -8.65 -22.21 14.84
N2 NAG E . -8.29 -24.07 13.46
O3 NAG E . -10.20 -25.97 12.42
O4 NAG E . -9.11 -28.57 11.81
O5 NAG E . -6.43 -26.12 11.21
O6 NAG E . -7.47 -27.29 8.76
O7 NAG E . -7.64 -21.94 12.67
FE FE F . -0.92 0.42 -2.84
ZN ZN G . -3.10 -16.41 -17.79
ZN ZN H . -8.71 6.81 -15.13
C CO3 I . 0.63 2.32 -2.48
O1 CO3 I . -0.13 2.22 -3.49
O2 CO3 I . 0.56 1.43 -1.65
O3 CO3 I . 1.31 3.36 -2.47
S SO4 J . -9.93 25.36 -5.24
O1 SO4 J . -10.88 25.03 -4.16
O2 SO4 J . -9.65 26.74 -5.74
O3 SO4 J . -9.22 24.24 -5.91
O4 SO4 J . -8.89 25.79 -4.23
C1 NPS K . -5.54 -4.98 -16.77
O2 NPS K . -5.13 -4.72 -18.06
C2 NPS K . -5.44 -6.29 -16.27
C14 NPS K . -7.69 -5.10 -10.68
C3 NPS K . -5.84 -6.59 -14.98
C4 NPS K . -6.34 -5.59 -14.16
C5 NPS K . -6.44 -4.21 -14.69
C6 NPS K . -6.04 -3.95 -15.99
C7 NPS K . -6.76 -5.85 -12.85
C8 NPS K . -7.26 -4.82 -12.07
C10 NPS K . -7.85 -3.79 -9.93
C13 NPS K . -6.96 -3.21 -13.87
C11 NPS K . -7.35 -3.52 -12.57
C12 NPS K . -6.04 -4.13 -18.98
O NPS K . -5.74 -6.44 -10.69
OXT NPS K . -6.77 -6.15 -8.78
C15 NPS K . -6.66 -5.96 -10.00
#